data_3D9J
#
_entry.id   3D9J
#
_cell.length_a   57.620
_cell.length_b   57.620
_cell.length_c   107.150
_cell.angle_alpha   90.00
_cell.angle_beta   90.00
_cell.angle_gamma   90.00
#
_symmetry.space_group_name_H-M   'P 43'
#
loop_
_entity.id
_entity.type
_entity.pdbx_description
1 polymer 'RNA-binding protein 16'
2 non-polymer 'AMMONIUM ION'
3 non-polymer 'SULFATE ION'
4 non-polymer GLYCEROL
5 water water
#
_entity_poly.entity_id   1
_entity_poly.type   'polypeptide(L)'
_entity_poly.pdbx_seq_one_letter_code
;MEAVKTFNSELYSLNDYKPPISKAKMTQITKAAIKAIKFYKHVVQSVEKFIQKCKPEYKVPGLYVIDSIVRQSRHQFGQE
KDVFAPRFSNNIISTFQNLYRCPGDDKSKIVRVLNLWQKNNVFKSEIIQPLLDMAAALEHHHHHH
;
_entity_poly.pdbx_strand_id   A,B
#
# COMPACT_ATOMS: atom_id res chain seq x y z
N GLU A 2 -19.91 -9.79 -2.15
CA GLU A 2 -19.60 -8.64 -3.05
C GLU A 2 -18.98 -7.48 -2.28
N ALA A 3 -19.75 -6.90 -1.37
CA ALA A 3 -19.20 -5.92 -0.41
C ALA A 3 -18.18 -6.62 0.48
N VAL A 4 -18.47 -7.88 0.81
CA VAL A 4 -17.56 -8.71 1.60
C VAL A 4 -16.38 -9.18 0.77
N LYS A 5 -16.63 -9.49 -0.50
CA LYS A 5 -15.56 -9.84 -1.42
C LYS A 5 -14.53 -8.70 -1.54
N THR A 6 -15.02 -7.47 -1.69
CA THR A 6 -14.15 -6.30 -1.83
C THR A 6 -13.34 -6.09 -0.53
N PHE A 7 -14.01 -6.25 0.60
CA PHE A 7 -13.31 -6.09 1.88
C PHE A 7 -12.23 -7.17 2.03
N ASN A 8 -12.59 -8.42 1.75
CA ASN A 8 -11.64 -9.52 1.88
C ASN A 8 -10.44 -9.28 0.98
N SER A 9 -10.70 -8.79 -0.23
CA SER A 9 -9.63 -8.51 -1.18
C SER A 9 -8.62 -7.53 -0.57
N GLU A 10 -9.12 -6.42 -0.04
CA GLU A 10 -8.27 -5.39 0.57
C GLU A 10 -7.55 -5.87 1.82
N LEU A 11 -8.27 -6.61 2.67
CA LEU A 11 -7.65 -7.15 3.86
C LEU A 11 -6.49 -8.10 3.52
N TYR A 12 -6.73 -9.04 2.63
CA TYR A 12 -5.72 -10.04 2.32
C TYR A 12 -4.56 -9.44 1.52
N SER A 13 -4.77 -8.24 0.97
CA SER A 13 -3.70 -7.53 0.24
C SER A 13 -2.54 -7.11 1.15
N LEU A 14 -2.79 -7.13 2.46
CA LEU A 14 -1.77 -6.87 3.48
C LEU A 14 -0.54 -7.74 3.24
N ASN A 15 -0.79 -8.94 2.71
CA ASN A 15 0.26 -9.95 2.39
C ASN A 15 1.24 -9.52 1.32
N ASP A 16 0.90 -8.42 0.65
CA ASP A 16 1.75 -7.90 -0.42
C ASP A 16 2.79 -6.91 0.10
N TYR A 17 2.69 -6.60 1.39
CA TYR A 17 3.41 -5.49 1.99
C TYR A 17 4.25 -5.83 3.20
N LYS A 18 5.30 -5.04 3.44
CA LYS A 18 6.11 -5.19 4.65
C LYS A 18 5.65 -4.16 5.71
N PRO A 19 5.18 -4.64 6.87
CA PRO A 19 4.81 -3.69 7.95
C PRO A 19 5.97 -2.75 8.37
N PRO A 20 5.66 -1.52 8.84
CA PRO A 20 4.34 -0.95 9.06
C PRO A 20 3.56 -0.68 7.77
N ILE A 21 2.26 -0.97 7.84
CA ILE A 21 1.34 -0.75 6.74
C ILE A 21 1.06 0.74 6.55
N SER A 22 0.96 1.13 5.28
CA SER A 22 0.57 2.49 4.90
C SER A 22 -0.79 2.92 5.50
N LYS A 23 -0.84 4.19 5.90
CA LYS A 23 -2.10 4.82 6.32
C LYS A 23 -3.14 4.67 5.23
N ALA A 24 -2.76 4.89 3.96
CA ALA A 24 -3.72 4.81 2.86
C ALA A 24 -4.30 3.41 2.73
N LYS A 25 -3.46 2.38 2.89
CA LYS A 25 -3.98 1.01 2.87
C LYS A 25 -4.93 0.72 4.03
N MET A 26 -4.56 1.13 5.24
CA MET A 26 -5.44 0.96 6.39
C MET A 26 -6.76 1.67 6.18
N THR A 27 -6.71 2.87 5.62
CA THR A 27 -7.93 3.65 5.34
C THR A 27 -8.81 2.89 4.34
N GLN A 28 -8.19 2.35 3.28
CA GLN A 28 -8.98 1.58 2.31
C GLN A 28 -9.67 0.37 2.96
N ILE A 29 -8.97 -0.37 3.82
CA ILE A 29 -9.58 -1.49 4.48
C ILE A 29 -10.74 -1.05 5.39
N THR A 30 -10.54 0.05 6.11
CA THR A 30 -11.52 0.53 7.07
C THR A 30 -12.75 1.01 6.31
N LYS A 31 -12.52 1.77 5.25
CA LYS A 31 -13.65 2.30 4.49
C LYS A 31 -14.48 1.17 3.91
N ALA A 32 -13.82 0.10 3.46
CA ALA A 32 -14.50 -1.07 2.90
C ALA A 32 -15.34 -1.77 3.97
N ALA A 33 -14.79 -1.89 5.17
CA ALA A 33 -15.50 -2.52 6.28
C ALA A 33 -16.79 -1.73 6.57
N ILE A 34 -16.64 -0.42 6.66
CA ILE A 34 -17.75 0.48 7.05
C ILE A 34 -18.85 0.53 5.99
N LYS A 35 -18.46 0.55 4.73
CA LYS A 35 -19.41 0.51 3.61
C LYS A 35 -20.23 -0.79 3.66
N ALA A 36 -19.57 -1.84 4.14
CA ALA A 36 -20.20 -3.16 4.30
C ALA A 36 -20.82 -3.40 5.69
N ILE A 37 -21.23 -2.34 6.38
CA ILE A 37 -21.84 -2.51 7.75
C ILE A 37 -23.03 -3.48 7.78
N LYS A 38 -23.79 -3.58 6.69
CA LYS A 38 -24.89 -4.57 6.62
C LYS A 38 -24.36 -5.98 6.91
N PHE A 39 -23.11 -6.22 6.52
CA PHE A 39 -22.51 -7.55 6.62
C PHE A 39 -21.41 -7.53 7.70
N TYR A 40 -21.64 -6.78 8.77
CA TYR A 40 -20.60 -6.61 9.78
C TYR A 40 -20.13 -7.96 10.37
N LYS A 41 -21.01 -8.94 10.45
CA LYS A 41 -20.64 -10.27 10.98
C LYS A 41 -19.61 -10.96 10.09
N HIS A 42 -19.83 -10.89 8.77
CA HIS A 42 -18.84 -11.36 7.81
C HIS A 42 -17.52 -10.59 7.93
N VAL A 43 -17.60 -9.27 8.06
CA VAL A 43 -16.38 -8.47 8.20
C VAL A 43 -15.57 -8.92 9.42
N VAL A 44 -16.24 -9.05 10.57
CA VAL A 44 -15.53 -9.44 11.79
C VAL A 44 -14.94 -10.84 11.64
N GLN A 45 -15.70 -11.76 11.04
CA GLN A 45 -15.22 -13.11 10.84
C GLN A 45 -13.96 -13.11 9.94
N SER A 46 -13.96 -12.31 8.87
CA SER A 46 -12.80 -12.23 7.99
C SER A 46 -11.56 -11.71 8.70
N VAL A 47 -11.71 -10.67 9.51
CA VAL A 47 -10.57 -10.13 10.24
C VAL A 47 -10.02 -11.18 11.22
N GLU A 48 -10.92 -11.84 11.93
CA GLU A 48 -10.50 -12.86 12.90
C GLU A 48 -9.74 -14.00 12.23
N LYS A 49 -10.24 -14.41 11.06
CA LYS A 49 -9.59 -15.48 10.29
C LYS A 49 -8.21 -15.03 9.83
N PHE A 50 -8.13 -13.79 9.35
CA PHE A 50 -6.86 -13.26 8.93
C PHE A 50 -5.85 -13.39 10.07
N ILE A 51 -6.24 -12.90 11.25
CA ILE A 51 -5.35 -12.88 12.40
C ILE A 51 -4.98 -14.29 12.87
N GLN A 52 -5.91 -15.24 12.74
CA GLN A 52 -5.63 -16.61 13.13
C GLN A 52 -4.52 -17.24 12.28
N LYS A 53 -4.57 -16.95 10.99
CA LYS A 53 -3.80 -17.69 9.98
C LYS A 53 -2.55 -16.97 9.46
N CYS A 54 -2.45 -15.67 9.73
CA CYS A 54 -1.41 -14.85 9.10
C CYS A 54 -0.03 -15.10 9.70
N LYS A 55 1.02 -14.75 8.94
CA LYS A 55 2.39 -14.79 9.45
C LYS A 55 2.56 -13.86 10.65
N PRO A 56 3.58 -14.15 11.49
CA PRO A 56 3.69 -13.40 12.76
C PRO A 56 3.83 -11.87 12.58
N GLU A 57 4.54 -11.44 11.52
CA GLU A 57 4.66 -10.00 11.26
C GLU A 57 3.35 -9.32 10.89
N TYR A 58 2.27 -10.09 10.70
CA TYR A 58 1.02 -9.44 10.31
C TYR A 58 0.02 -9.42 11.47
N LYS A 59 0.38 -9.98 12.62
CA LYS A 59 -0.52 -9.92 13.81
C LYS A 59 -0.82 -8.47 14.22
N VAL A 60 0.20 -7.65 14.44
CA VAL A 60 -0.03 -6.22 14.79
C VAL A 60 -0.84 -5.49 13.70
N PRO A 61 -0.42 -5.57 12.41
CA PRO A 61 -1.32 -5.05 11.35
C PRO A 61 -2.79 -5.51 11.48
N GLY A 62 -3.03 -6.79 11.80
CA GLY A 62 -4.39 -7.27 11.98
C GLY A 62 -5.09 -6.57 13.15
N LEU A 63 -4.37 -6.42 14.28
CA LEU A 63 -4.93 -5.65 15.40
C LEU A 63 -5.25 -4.22 14.98
N TYR A 64 -4.33 -3.59 14.24
CA TYR A 64 -4.60 -2.22 13.75
C TYR A 64 -5.85 -2.14 12.86
N VAL A 65 -6.12 -3.21 12.12
CA VAL A 65 -7.36 -3.25 11.36
C VAL A 65 -8.57 -3.22 12.31
N ILE A 66 -8.54 -4.05 13.34
CA ILE A 66 -9.64 -4.02 14.35
C ILE A 66 -9.75 -2.60 14.93
N ASP A 67 -8.62 -2.06 15.39
CA ASP A 67 -8.60 -0.73 16.02
C ASP A 67 -9.15 0.33 15.08
N SER A 68 -8.73 0.27 13.82
CA SER A 68 -9.14 1.30 12.84
C SER A 68 -10.67 1.22 12.55
N ILE A 69 -11.16 0.00 12.38
CA ILE A 69 -12.59 -0.21 12.12
C ILE A 69 -13.41 0.27 13.32
N VAL A 70 -13.01 -0.13 14.53
CA VAL A 70 -13.83 0.21 15.69
C VAL A 70 -13.82 1.73 15.95
N ARG A 71 -12.65 2.36 15.82
CA ARG A 71 -12.56 3.82 15.98
C ARG A 71 -13.41 4.57 14.95
N GLN A 72 -13.28 4.21 13.68
CA GLN A 72 -14.05 4.90 12.64
C GLN A 72 -15.54 4.66 12.83
N SER A 73 -15.92 3.44 13.19
CA SER A 73 -17.34 3.15 13.38
C SER A 73 -17.94 3.94 14.56
N ARG A 74 -17.20 4.00 15.67
CA ARG A 74 -17.65 4.79 16.81
C ARG A 74 -17.77 6.27 16.47
N HIS A 75 -16.83 6.80 15.69
CA HIS A 75 -16.89 8.19 15.27
C HIS A 75 -18.09 8.43 14.34
N GLN A 76 -18.25 7.52 13.40
CA GLN A 76 -19.21 7.73 12.33
C GLN A 76 -20.67 7.44 12.73
N PHE A 77 -20.87 6.40 13.53
CA PHE A 77 -22.24 5.99 13.93
C PHE A 77 -22.62 6.31 15.38
N GLY A 78 -21.60 6.60 16.18
CA GLY A 78 -21.80 6.91 17.59
C GLY A 78 -21.29 5.76 18.44
N GLN A 79 -20.80 6.05 19.64
CA GLN A 79 -20.22 5.00 20.48
C GLN A 79 -21.24 3.95 20.89
N GLU A 80 -22.45 4.39 21.21
CA GLU A 80 -23.51 3.48 21.61
C GLU A 80 -24.06 2.66 20.45
N LYS A 81 -23.96 3.19 19.23
CA LYS A 81 -24.59 2.55 18.09
C LYS A 81 -23.64 1.67 17.29
N ASP A 82 -22.34 1.84 17.52
CA ASP A 82 -21.33 1.05 16.81
C ASP A 82 -21.62 -0.44 16.99
N VAL A 83 -21.66 -1.15 15.87
CA VAL A 83 -21.90 -2.61 15.88
C VAL A 83 -20.59 -3.44 15.91
N PHE A 84 -19.49 -2.79 15.56
CA PHE A 84 -18.23 -3.52 15.42
C PHE A 84 -17.56 -3.96 16.72
N ALA A 85 -17.40 -3.04 17.69
CA ALA A 85 -16.73 -3.46 18.95
C ALA A 85 -17.53 -4.53 19.66
N PRO A 86 -18.87 -4.38 19.76
CA PRO A 86 -19.61 -5.48 20.41
C PRO A 86 -19.41 -6.81 19.67
N ARG A 87 -19.40 -6.81 18.33
CA ARG A 87 -19.26 -8.07 17.63
C ARG A 87 -17.84 -8.63 17.79
N PHE A 88 -16.83 -7.77 17.71
CA PHE A 88 -15.44 -8.25 17.96
C PHE A 88 -15.28 -8.81 19.40
N SER A 89 -16.08 -8.31 20.34
CA SER A 89 -15.94 -8.76 21.74
C SER A 89 -16.25 -10.24 21.90
N ASN A 90 -17.06 -10.83 21.01
CA ASN A 90 -17.51 -12.20 21.24
C ASN A 90 -16.28 -13.14 21.31
N ASN A 91 -15.37 -12.99 20.34
CA ASN A 91 -14.23 -13.92 20.26
C ASN A 91 -12.92 -13.31 20.70
N ILE A 92 -12.97 -12.11 21.29
CA ILE A 92 -11.79 -11.29 21.51
C ILE A 92 -10.67 -11.96 22.33
N ILE A 93 -11.04 -12.79 23.31
CA ILE A 93 -10.00 -13.46 24.12
C ILE A 93 -9.17 -14.38 23.23
N SER A 94 -9.84 -15.09 22.35
CA SER A 94 -9.16 -15.98 21.40
C SER A 94 -8.40 -15.18 20.36
N THR A 95 -8.99 -14.08 19.93
CA THR A 95 -8.30 -13.19 18.96
C THR A 95 -6.95 -12.77 19.52
N PHE A 96 -6.94 -12.31 20.77
CA PHE A 96 -5.71 -11.86 21.39
C PHE A 96 -4.74 -12.98 21.69
N GLN A 97 -5.25 -14.18 22.01
CA GLN A 97 -4.37 -15.33 22.14
C GLN A 97 -3.56 -15.47 20.85
N ASN A 98 -4.24 -15.33 19.70
CA ASN A 98 -3.59 -15.38 18.39
C ASN A 98 -2.63 -14.19 18.19
N LEU A 99 -3.08 -12.99 18.55
CA LEU A 99 -2.23 -11.78 18.38
C LEU A 99 -0.93 -11.83 19.16
N TYR A 100 -0.96 -12.40 20.36
CA TYR A 100 0.23 -12.42 21.21
C TYR A 100 1.31 -13.41 20.74
N ARG A 101 1.01 -14.12 19.66
CA ARG A 101 1.99 -15.00 19.01
C ARG A 101 2.68 -14.22 17.92
N CYS A 102 2.99 -12.98 18.25
CA CYS A 102 3.71 -12.08 17.37
C CYS A 102 5.17 -12.02 17.82
N PRO A 103 6.04 -11.41 16.99
CA PRO A 103 7.43 -11.23 17.40
C PRO A 103 7.48 -10.46 18.71
N GLY A 104 8.43 -10.78 19.58
CA GLY A 104 8.54 -10.15 20.90
C GLY A 104 8.66 -8.63 20.83
N ASP A 105 9.27 -8.12 19.75
CA ASP A 105 9.39 -6.68 19.52
C ASP A 105 8.06 -6.00 19.13
N ASP A 106 7.01 -6.81 18.93
CA ASP A 106 5.69 -6.29 18.57
C ASP A 106 4.70 -6.29 19.73
N LYS A 107 5.04 -6.95 20.83
CA LYS A 107 4.16 -7.07 21.99
C LYS A 107 3.73 -5.72 22.60
N SER A 108 4.70 -4.81 22.74
CA SER A 108 4.43 -3.47 23.23
C SER A 108 3.39 -2.75 22.40
N LYS A 109 3.36 -3.02 21.09
CA LYS A 109 2.40 -2.35 20.21
C LYS A 109 0.96 -2.79 20.57
N ILE A 110 0.80 -4.03 21.02
CA ILE A 110 -0.53 -4.53 21.39
C ILE A 110 -1.00 -3.88 22.69
N VAL A 111 -0.12 -3.87 23.69
CA VAL A 111 -0.44 -3.25 24.96
C VAL A 111 -0.81 -1.75 24.77
N ARG A 112 -0.11 -1.05 23.86
CA ARG A 112 -0.41 0.34 23.55
C ARG A 112 -1.88 0.44 23.11
N VAL A 113 -2.28 -0.38 22.14
CA VAL A 113 -3.66 -0.38 21.68
C VAL A 113 -4.63 -0.63 22.86
N LEU A 114 -4.31 -1.60 23.71
CA LEU A 114 -5.22 -1.92 24.81
C LEU A 114 -5.32 -0.74 25.75
N ASN A 115 -4.20 -0.08 26.02
CA ASN A 115 -4.14 1.08 26.90
C ASN A 115 -5.08 2.18 26.35
N LEU A 116 -5.06 2.37 25.03
CA LEU A 116 -5.87 3.41 24.46
C LEU A 116 -7.36 3.03 24.47
N TRP A 117 -7.65 1.76 24.16
CA TRP A 117 -9.02 1.24 24.27
C TRP A 117 -9.57 1.45 25.69
N GLN A 118 -8.74 1.17 26.69
CA GLN A 118 -9.19 1.38 28.07
C GLN A 118 -9.50 2.85 28.38
N LYS A 119 -8.58 3.74 28.01
CA LYS A 119 -8.77 5.17 28.22
C LYS A 119 -10.05 5.70 27.56
N ASN A 120 -10.32 5.21 26.35
CA ASN A 120 -11.47 5.67 25.58
C ASN A 120 -12.70 4.78 25.78
N ASN A 121 -12.59 3.82 26.70
CA ASN A 121 -13.68 2.89 27.02
C ASN A 121 -14.31 2.24 25.78
N VAL A 122 -13.44 1.79 24.89
CA VAL A 122 -13.86 1.08 23.67
C VAL A 122 -14.46 -0.27 24.06
N PHE A 123 -13.91 -0.88 25.12
CA PHE A 123 -14.47 -2.05 25.78
C PHE A 123 -14.47 -1.80 27.29
N LYS A 124 -15.35 -2.49 28.02
CA LYS A 124 -15.42 -2.38 29.48
C LYS A 124 -14.25 -3.12 30.09
N SER A 125 -13.97 -2.83 31.36
CA SER A 125 -12.85 -3.41 32.08
C SER A 125 -12.92 -4.94 32.07
N GLU A 126 -14.12 -5.51 32.08
CA GLU A 126 -14.25 -6.96 32.13
C GLU A 126 -13.72 -7.65 30.88
N ILE A 127 -13.61 -6.88 29.79
CA ILE A 127 -12.98 -7.36 28.57
C ILE A 127 -11.53 -6.90 28.53
N ILE A 128 -11.29 -5.62 28.78
CA ILE A 128 -9.91 -5.12 28.69
C ILE A 128 -9.00 -5.76 29.69
N GLN A 129 -9.46 -5.94 30.93
CA GLN A 129 -8.54 -6.44 31.93
C GLN A 129 -7.95 -7.83 31.61
N PRO A 130 -8.80 -8.80 31.22
CA PRO A 130 -8.17 -10.08 30.83
C PRO A 130 -7.20 -9.97 29.68
N LEU A 131 -7.46 -9.06 28.73
CA LEU A 131 -6.52 -8.88 27.63
C LEU A 131 -5.20 -8.29 28.12
N LEU A 132 -5.27 -7.35 29.07
CA LEU A 132 -4.06 -6.83 29.75
C LEU A 132 -3.34 -7.91 30.56
N ASP A 133 -4.12 -8.74 31.26
CA ASP A 133 -3.56 -9.84 32.02
C ASP A 133 -2.77 -10.81 31.11
N MET A 134 -3.31 -11.08 29.93
CA MET A 134 -2.65 -11.95 28.96
C MET A 134 -1.28 -11.41 28.51
N ALA A 135 -1.17 -10.09 28.32
CA ALA A 135 0.16 -9.53 28.05
C ALA A 135 1.15 -9.74 29.19
N ALA A 136 0.69 -9.50 30.43
CA ALA A 136 1.54 -9.61 31.60
C ALA A 136 2.01 -11.04 31.84
N ALA A 137 1.13 -12.00 31.53
CA ALA A 137 1.43 -13.40 31.77
C ALA A 137 2.47 -13.97 30.81
N LEU A 138 2.61 -13.35 29.63
CA LEU A 138 3.62 -13.81 28.67
C LEU A 138 5.02 -13.78 29.27
N GLU B 2 10.38 -10.93 0.56
CA GLU B 2 10.90 -9.87 1.47
C GLU B 2 11.33 -8.61 0.71
N ALA B 3 12.29 -8.76 -0.20
CA ALA B 3 12.73 -7.62 -1.01
C ALA B 3 11.59 -7.00 -1.78
N VAL B 4 10.72 -7.85 -2.31
CA VAL B 4 9.64 -7.39 -3.16
C VAL B 4 8.59 -6.70 -2.28
N LYS B 5 8.29 -7.26 -1.12
CA LYS B 5 7.31 -6.64 -0.19
C LYS B 5 7.76 -5.26 0.29
N THR B 6 9.05 -5.14 0.59
CA THR B 6 9.64 -3.89 0.99
C THR B 6 9.48 -2.85 -0.13
N PHE B 7 9.84 -3.22 -1.37
CA PHE B 7 9.61 -2.32 -2.50
C PHE B 7 8.11 -1.97 -2.62
N ASN B 8 7.25 -2.98 -2.54
CA ASN B 8 5.79 -2.73 -2.61
C ASN B 8 5.36 -1.71 -1.57
N SER B 9 5.87 -1.84 -0.36
CA SER B 9 5.55 -0.87 0.69
C SER B 9 6.03 0.55 0.32
N GLU B 10 7.26 0.68 -0.18
CA GLU B 10 7.75 2.02 -0.55
C GLU B 10 6.93 2.60 -1.68
N LEU B 11 6.67 1.80 -2.70
CA LEU B 11 5.89 2.31 -3.84
C LEU B 11 4.46 2.72 -3.44
N TYR B 12 3.77 1.87 -2.68
CA TYR B 12 2.40 2.17 -2.29
C TYR B 12 2.34 3.41 -1.37
N SER B 13 3.43 3.69 -0.67
CA SER B 13 3.47 4.80 0.28
C SER B 13 3.35 6.16 -0.45
N LEU B 14 3.49 6.17 -1.77
CA LEU B 14 3.18 7.40 -2.55
C LEU B 14 1.79 7.87 -2.23
N ASN B 15 0.88 6.92 -1.96
CA ASN B 15 -0.49 7.26 -1.60
C ASN B 15 -0.70 8.07 -0.30
N ASP B 16 0.36 8.15 0.50
CA ASP B 16 0.34 8.87 1.75
C ASP B 16 0.81 10.32 1.61
N TYR B 17 1.21 10.70 0.40
CA TYR B 17 1.76 12.04 0.14
C TYR B 17 1.01 12.77 -0.97
N LYS B 18 0.94 14.10 -0.85
CA LYS B 18 0.38 14.91 -1.93
C LYS B 18 1.50 15.27 -2.90
N PRO B 19 1.34 14.95 -4.20
CA PRO B 19 2.35 15.35 -5.19
C PRO B 19 2.49 16.88 -5.25
N PRO B 20 3.68 17.40 -5.59
CA PRO B 20 4.90 16.73 -6.01
C PRO B 20 5.58 15.93 -4.90
N ILE B 21 6.02 14.72 -5.26
CA ILE B 21 6.75 13.84 -4.34
C ILE B 21 8.19 14.35 -4.07
N SER B 22 8.62 14.28 -2.82
CA SER B 22 9.96 14.73 -2.40
C SER B 22 11.07 13.84 -2.99
N LYS B 23 12.26 14.42 -3.16
CA LYS B 23 13.43 13.64 -3.58
C LYS B 23 13.73 12.52 -2.58
N ALA B 24 13.56 12.79 -1.29
CA ALA B 24 13.79 11.81 -0.23
C ALA B 24 12.90 10.58 -0.46
N LYS B 25 11.62 10.80 -0.76
CA LYS B 25 10.73 9.67 -0.96
C LYS B 25 11.07 8.92 -2.25
N MET B 26 11.35 9.66 -3.32
CA MET B 26 11.70 9.02 -4.59
C MET B 26 12.98 8.17 -4.43
N THR B 27 13.93 8.69 -3.64
CA THR B 27 15.19 7.97 -3.35
C THR B 27 14.92 6.67 -2.60
N GLN B 28 14.02 6.69 -1.61
CA GLN B 28 13.67 5.49 -0.84
C GLN B 28 13.07 4.43 -1.74
N ILE B 29 12.19 4.86 -2.66
CA ILE B 29 11.57 3.92 -3.57
C ILE B 29 12.62 3.30 -4.50
N THR B 30 13.48 4.15 -5.04
CA THR B 30 14.54 3.69 -5.93
C THR B 30 15.50 2.74 -5.23
N LYS B 31 15.91 3.10 -4.03
CA LYS B 31 16.83 2.22 -3.31
C LYS B 31 16.21 0.84 -3.07
N ALA B 32 14.92 0.81 -2.70
CA ALA B 32 14.24 -0.47 -2.54
C ALA B 32 14.14 -1.28 -3.84
N ALA B 33 13.92 -0.60 -4.95
CA ALA B 33 13.89 -1.31 -6.22
C ALA B 33 15.20 -1.98 -6.52
N ILE B 34 16.31 -1.24 -6.33
CA ILE B 34 17.67 -1.72 -6.66
C ILE B 34 18.02 -2.89 -5.75
N LYS B 35 17.66 -2.79 -4.47
CA LYS B 35 17.92 -3.93 -3.54
C LYS B 35 17.17 -5.17 -3.97
N ALA B 36 16.05 -4.97 -4.66
CA ALA B 36 15.23 -6.07 -5.15
C ALA B 36 15.53 -6.45 -6.62
N ILE B 37 16.73 -6.12 -7.12
CA ILE B 37 17.11 -6.39 -8.51
C ILE B 37 16.90 -7.86 -8.94
N LYS B 38 17.10 -8.82 -8.03
CA LYS B 38 16.87 -10.24 -8.36
C LYS B 38 15.46 -10.45 -8.91
N PHE B 39 14.54 -9.65 -8.40
CA PHE B 39 13.13 -9.73 -8.72
C PHE B 39 12.72 -8.51 -9.55
N TYR B 40 13.58 -8.11 -10.48
CA TYR B 40 13.30 -6.90 -11.26
C TYR B 40 12.00 -7.02 -12.05
N LYS B 41 11.66 -8.21 -12.48
CA LYS B 41 10.42 -8.41 -13.22
C LYS B 41 9.22 -8.08 -12.33
N HIS B 42 9.24 -8.50 -11.07
CA HIS B 42 8.15 -8.06 -10.19
C HIS B 42 8.13 -6.57 -9.92
N VAL B 43 9.32 -5.97 -9.78
CA VAL B 43 9.41 -4.52 -9.55
C VAL B 43 8.72 -3.80 -10.72
N VAL B 44 9.05 -4.17 -11.95
CA VAL B 44 8.44 -3.54 -13.12
C VAL B 44 6.92 -3.75 -13.14
N GLN B 45 6.49 -4.98 -12.86
CA GLN B 45 5.08 -5.29 -12.81
C GLN B 45 4.35 -4.40 -11.80
N SER B 46 4.94 -4.25 -10.61
CA SER B 46 4.31 -3.43 -9.54
C SER B 46 4.18 -1.96 -9.95
N VAL B 47 5.23 -1.45 -10.59
CA VAL B 47 5.20 -0.05 -11.03
C VAL B 47 4.14 0.13 -12.12
N GLU B 48 4.09 -0.79 -13.09
CA GLU B 48 3.08 -0.74 -14.13
C GLU B 48 1.65 -0.82 -13.56
N LYS B 49 1.47 -1.68 -12.56
CA LYS B 49 0.15 -1.85 -11.95
C LYS B 49 -0.22 -0.58 -11.20
N PHE B 50 0.77 0.02 -10.54
CA PHE B 50 0.54 1.29 -9.85
C PHE B 50 0.04 2.34 -10.81
N ILE B 51 0.74 2.48 -11.94
CA ILE B 51 0.38 3.44 -12.97
C ILE B 51 -1.00 3.16 -13.60
N GLN B 52 -1.31 1.89 -13.79
CA GLN B 52 -2.61 1.51 -14.35
C GLN B 52 -3.76 1.95 -13.44
N LYS B 53 -3.56 1.76 -12.13
CA LYS B 53 -4.68 1.84 -11.18
C LYS B 53 -4.72 3.06 -10.25
N CYS B 54 -3.65 3.86 -10.27
CA CYS B 54 -3.56 5.01 -9.36
C CYS B 54 -4.44 6.18 -9.75
N LYS B 55 -4.67 7.05 -8.76
CA LYS B 55 -5.43 8.27 -8.95
C LYS B 55 -4.70 9.18 -9.98
N PRO B 56 -5.43 10.03 -10.75
CA PRO B 56 -4.79 10.86 -11.82
C PRO B 56 -3.54 11.64 -11.36
N GLU B 57 -3.58 12.18 -10.15
CA GLU B 57 -2.44 12.94 -9.63
C GLU B 57 -1.17 12.11 -9.42
N TYR B 58 -1.29 10.77 -9.41
CA TYR B 58 -0.12 9.93 -9.19
C TYR B 58 0.49 9.35 -10.48
N LYS B 59 -0.08 9.69 -11.62
CA LYS B 59 0.48 9.20 -12.90
C LYS B 59 1.89 9.72 -13.12
N VAL B 60 2.07 11.04 -13.06
CA VAL B 60 3.43 11.60 -13.21
C VAL B 60 4.39 11.07 -12.12
N PRO B 61 3.99 11.08 -10.81
CA PRO B 61 4.85 10.36 -9.84
C PRO B 61 5.25 8.94 -10.24
N GLY B 62 4.33 8.16 -10.79
CA GLY B 62 4.66 6.84 -11.27
C GLY B 62 5.71 6.86 -12.37
N LEU B 63 5.56 7.83 -13.29
CA LEU B 63 6.59 7.99 -14.32
C LEU B 63 7.95 8.36 -13.72
N TYR B 64 7.93 9.26 -12.74
CA TYR B 64 9.18 9.61 -12.05
C TYR B 64 9.83 8.40 -11.36
N VAL B 65 9.02 7.45 -10.89
CA VAL B 65 9.55 6.22 -10.32
C VAL B 65 10.28 5.44 -11.42
N ILE B 66 9.68 5.31 -12.59
CA ILE B 66 10.35 4.59 -13.70
C ILE B 66 11.67 5.30 -14.01
N ASP B 67 11.63 6.63 -14.19
CA ASP B 67 12.84 7.39 -14.47
C ASP B 67 13.92 7.22 -13.44
N SER B 68 13.53 7.31 -12.16
CA SER B 68 14.51 7.25 -11.08
C SER B 68 15.18 5.84 -11.01
N ILE B 69 14.35 4.78 -11.13
CA ILE B 69 14.86 3.42 -11.06
C ILE B 69 15.84 3.14 -12.22
N VAL B 70 15.45 3.53 -13.43
CA VAL B 70 16.29 3.27 -14.61
C VAL B 70 17.60 4.03 -14.50
N ARG B 71 17.52 5.31 -14.10
CA ARG B 71 18.74 6.10 -14.03
C ARG B 71 19.69 5.59 -12.91
N GLN B 72 19.13 5.21 -11.76
CA GLN B 72 20.00 4.70 -10.72
C GLN B 72 20.62 3.36 -11.10
N SER B 73 19.82 2.52 -11.74
CA SER B 73 20.30 1.22 -12.18
C SER B 73 21.40 1.33 -13.24
N ARG B 74 21.21 2.22 -14.22
CA ARG B 74 22.25 2.46 -15.21
C ARG B 74 23.52 3.00 -14.56
N HIS B 75 23.35 3.87 -13.57
CA HIS B 75 24.51 4.36 -12.82
C HIS B 75 25.24 3.26 -12.02
N GLN B 76 24.45 2.46 -11.33
CA GLN B 76 24.98 1.50 -10.34
C GLN B 76 25.55 0.24 -10.98
N PHE B 77 24.94 -0.21 -12.08
CA PHE B 77 25.36 -1.49 -12.70
C PHE B 77 25.99 -1.32 -14.05
N GLY B 78 25.84 -0.10 -14.60
CA GLY B 78 26.38 0.22 -15.93
C GLY B 78 25.26 0.30 -16.95
N GLN B 79 25.42 1.20 -17.92
CA GLN B 79 24.35 1.44 -18.87
C GLN B 79 24.03 0.19 -19.69
N GLU B 80 25.07 -0.56 -20.06
CA GLU B 80 24.87 -1.78 -20.83
C GLU B 80 24.32 -2.94 -20.00
N LYS B 81 24.47 -2.86 -18.68
CA LYS B 81 24.11 -4.00 -17.84
C LYS B 81 22.75 -3.84 -17.19
N ASP B 82 22.24 -2.61 -17.18
CA ASP B 82 20.93 -2.35 -16.58
C ASP B 82 19.83 -3.26 -17.16
N VAL B 83 19.08 -3.89 -16.27
CA VAL B 83 17.94 -4.74 -16.64
C VAL B 83 16.57 -4.04 -16.62
N PHE B 84 16.50 -2.89 -15.98
CA PHE B 84 15.20 -2.24 -15.80
C PHE B 84 14.68 -1.55 -17.05
N ALA B 85 15.51 -0.79 -17.79
CA ALA B 85 14.95 -0.07 -18.96
C ALA B 85 14.48 -1.09 -20.02
N PRO B 86 15.31 -2.12 -20.31
CA PRO B 86 14.80 -3.09 -21.26
C PRO B 86 13.51 -3.73 -20.79
N ARG B 87 13.37 -4.02 -19.48
CA ARG B 87 12.15 -4.67 -19.04
C ARG B 87 10.94 -3.71 -19.10
N PHE B 88 11.13 -2.47 -18.64
CA PHE B 88 10.09 -1.43 -18.77
C PHE B 88 9.66 -1.25 -20.24
N SER B 89 10.58 -1.47 -21.16
CA SER B 89 10.29 -1.21 -22.59
C SER B 89 9.20 -2.13 -23.12
N ASN B 90 9.08 -3.32 -22.53
CA ASN B 90 8.17 -4.33 -23.06
C ASN B 90 6.72 -3.83 -23.19
N ASN B 91 6.18 -3.26 -22.12
CA ASN B 91 4.78 -2.82 -22.09
C ASN B 91 4.67 -1.30 -22.15
N ILE B 92 5.71 -0.66 -22.64
CA ILE B 92 5.78 0.79 -22.54
C ILE B 92 4.67 1.59 -23.27
N ILE B 93 4.18 1.06 -24.39
CA ILE B 93 3.08 1.76 -25.10
C ILE B 93 1.86 1.78 -24.21
N SER B 94 1.55 0.65 -23.60
CA SER B 94 0.41 0.54 -22.69
C SER B 94 0.62 1.41 -21.46
N THR B 95 1.87 1.44 -20.96
CA THR B 95 2.15 2.23 -19.77
C THR B 95 1.88 3.67 -20.07
N PHE B 96 2.33 4.14 -21.24
CA PHE B 96 2.12 5.53 -21.58
C PHE B 96 0.67 5.89 -21.93
N GLN B 97 -0.06 4.96 -22.54
CA GLN B 97 -1.49 5.15 -22.74
C GLN B 97 -2.12 5.46 -21.38
N ASN B 98 -1.69 4.73 -20.35
CA ASN B 98 -2.18 4.92 -18.98
C ASN B 98 -1.72 6.24 -18.38
N LEU B 99 -0.44 6.56 -18.56
CA LEU B 99 0.09 7.81 -18.05
C LEU B 99 -0.62 9.04 -18.61
N TYR B 100 -0.99 8.98 -19.90
CA TYR B 100 -1.61 10.12 -20.58
C TYR B 100 -3.05 10.39 -20.14
N ARG B 101 -3.55 9.55 -19.25
CA ARG B 101 -4.83 9.79 -18.59
C ARG B 101 -4.52 10.45 -17.25
N CYS B 102 -3.63 11.45 -17.32
CA CYS B 102 -3.25 12.30 -16.21
C CYS B 102 -4.03 13.61 -16.39
N PRO B 103 -4.04 14.50 -15.36
CA PRO B 103 -4.66 15.79 -15.59
C PRO B 103 -4.01 16.53 -16.76
N GLY B 104 -4.80 17.32 -17.48
CA GLY B 104 -4.32 18.07 -18.64
C GLY B 104 -2.99 18.76 -18.44
N ASP B 105 -2.83 19.41 -17.28
CA ASP B 105 -1.61 20.17 -17.02
C ASP B 105 -0.39 19.30 -16.72
N ASP B 106 -0.58 17.99 -16.62
CA ASP B 106 0.55 17.10 -16.40
C ASP B 106 1.15 16.54 -17.70
N LYS B 107 0.45 16.68 -18.84
CA LYS B 107 0.95 16.12 -20.10
C LYS B 107 2.35 16.65 -20.41
N SER B 108 2.58 17.93 -20.15
CA SER B 108 3.87 18.53 -20.50
C SER B 108 5.00 17.93 -19.65
N LYS B 109 4.67 17.46 -18.44
CA LYS B 109 5.68 16.84 -17.57
C LYS B 109 6.15 15.47 -18.09
N ILE B 110 5.22 14.77 -18.74
CA ILE B 110 5.51 13.49 -19.36
C ILE B 110 6.46 13.72 -20.54
N VAL B 111 6.12 14.69 -21.38
CA VAL B 111 6.95 15.00 -22.53
C VAL B 111 8.35 15.46 -22.08
N ARG B 112 8.43 16.23 -20.99
CA ARG B 112 9.74 16.64 -20.48
C ARG B 112 10.60 15.43 -20.15
N VAL B 113 10.04 14.43 -19.49
CA VAL B 113 10.78 13.21 -19.15
C VAL B 113 11.19 12.46 -20.43
N LEU B 114 10.27 12.32 -21.38
CA LEU B 114 10.64 11.67 -22.64
C LEU B 114 11.77 12.39 -23.37
N ASN B 115 11.73 13.72 -23.39
CA ASN B 115 12.77 14.45 -24.10
C ASN B 115 14.14 14.27 -23.44
N LEU B 116 14.14 14.17 -22.11
CA LEU B 116 15.39 13.93 -21.41
C LEU B 116 15.86 12.49 -21.60
N TRP B 117 14.94 11.52 -21.64
CA TRP B 117 15.34 10.16 -21.99
C TRP B 117 16.02 10.13 -23.38
N GLN B 118 15.46 10.85 -24.34
CA GLN B 118 16.08 10.89 -25.67
C GLN B 118 17.46 11.56 -25.62
N LYS B 119 17.53 12.71 -24.96
CA LYS B 119 18.79 13.47 -24.85
C LYS B 119 19.91 12.66 -24.21
N ASN B 120 19.56 11.95 -23.13
CA ASN B 120 20.53 11.16 -22.37
C ASN B 120 20.65 9.71 -22.86
N ASN B 121 19.98 9.37 -23.95
CA ASN B 121 19.99 8.01 -24.52
C ASN B 121 19.60 6.91 -23.53
N VAL B 122 18.61 7.22 -22.69
CA VAL B 122 18.12 6.25 -21.72
C VAL B 122 17.37 5.10 -22.42
N PHE B 123 16.65 5.45 -23.49
CA PHE B 123 16.01 4.49 -24.42
C PHE B 123 16.34 4.90 -25.86
N LYS B 124 16.25 3.95 -26.80
CA LYS B 124 16.38 4.30 -28.22
C LYS B 124 15.22 5.16 -28.74
N SER B 125 15.48 5.98 -29.75
CA SER B 125 14.43 6.80 -30.38
C SER B 125 13.28 5.94 -30.88
N GLU B 126 13.59 4.70 -31.28
CA GLU B 126 12.57 3.74 -31.70
C GLU B 126 11.49 3.51 -30.63
N ILE B 127 11.90 3.55 -29.36
CA ILE B 127 11.00 3.38 -28.24
C ILE B 127 10.37 4.72 -27.88
N ILE B 128 11.16 5.78 -27.89
CA ILE B 128 10.70 7.09 -27.41
C ILE B 128 9.76 7.79 -28.39
N GLN B 129 10.07 7.72 -29.69
CA GLN B 129 9.31 8.49 -30.64
C GLN B 129 7.80 8.19 -30.63
N PRO B 130 7.42 6.90 -30.57
CA PRO B 130 5.96 6.71 -30.59
C PRO B 130 5.29 7.28 -29.34
N LEU B 131 6.01 7.31 -28.23
CA LEU B 131 5.48 7.87 -26.99
C LEU B 131 5.30 9.38 -27.11
N LEU B 132 6.25 10.05 -27.79
CA LEU B 132 6.08 11.48 -28.07
C LEU B 132 4.94 11.72 -29.03
N ASP B 133 4.86 10.88 -30.06
CA ASP B 133 3.77 11.02 -31.03
C ASP B 133 2.40 10.87 -30.37
N MET B 134 2.31 9.97 -29.39
CA MET B 134 1.07 9.82 -28.61
C MET B 134 0.69 11.12 -27.87
N ALA B 135 1.70 11.80 -27.32
CA ALA B 135 1.45 13.08 -26.65
C ALA B 135 0.85 14.14 -27.57
N ALA B 136 1.43 14.26 -28.77
CA ALA B 136 1.01 15.25 -29.74
C ALA B 136 -0.37 14.93 -30.26
N ALA B 137 -0.63 13.64 -30.52
CA ALA B 137 -1.95 13.24 -31.03
C ALA B 137 -3.08 13.65 -30.07
N LEU B 138 -2.82 13.59 -28.76
CA LEU B 138 -3.84 13.99 -27.76
C LEU B 138 -4.29 15.44 -27.94
N GLU B 139 -3.43 16.25 -28.56
CA GLU B 139 -3.75 17.68 -28.82
C GLU B 139 -4.57 17.94 -30.08
N HIS B 140 -4.81 16.91 -30.87
CA HIS B 140 -5.48 17.07 -32.13
C HIS B 140 -6.80 16.28 -32.11
N HIS B 141 -7.26 16.05 -30.89
CA HIS B 141 -8.54 15.38 -30.63
C HIS B 141 -9.53 16.37 -30.03
#